data_4AM9
#
_entry.id   4AM9
#
_cell.length_a   106.369
_cell.length_b   106.369
_cell.length_c   51.998
_cell.angle_alpha   90.00
_cell.angle_beta   90.00
_cell.angle_gamma   120.00
#
_symmetry.space_group_name_H-M   'P 31 2 1'
#
loop_
_entity.id
_entity.type
_entity.pdbx_description
1 polymer 'CHAPERONE SYCD'
2 polymer 'YOP EFFECTOR YOPD'
3 non-polymer 'SULFATE ION'
4 non-polymer (R,R)-2,3-BUTANEDIOL
5 water water
#
loop_
_entity_poly.entity_id
_entity_poly.type
_entity_poly.pdbx_seq_one_letter_code
_entity_poly.pdbx_strand_id
1 'polypeptide(L)'
;GPLGSGGGTIAMLNEISSDTLEQLYSLAFNQYQSGKYEDAHKVFQALCVLDHYDSRFFLGLGACRQAMGQYDLAIHSYSY
GAVMDIKEPRFPFHAAECLLQKGELAEAESGLFLAQELIANKPEFKELSTRVSSMLEAIKLKKEMKHE
;
A
2 'polypeptide(L)' (ACE)QVPELIKPSQ B
#
loop_
_chem_comp.id
_chem_comp.type
_chem_comp.name
_chem_comp.formula
ACE non-polymer 'ACETYL GROUP' 'C2 H4 O'
BU3 non-polymer (R,R)-2,3-BUTANEDIOL 'C4 H10 O2'
SO4 non-polymer 'SULFATE ION' 'O4 S -2'
#
# COMPACT_ATOMS: atom_id res chain seq x y z
N ASN A 14 26.81 3.43 -5.32
CA ASN A 14 26.95 4.75 -5.94
C ASN A 14 25.86 5.72 -5.50
N GLU A 15 25.29 5.47 -4.34
CA GLU A 15 24.26 6.36 -3.81
C GLU A 15 24.84 7.65 -3.26
N ILE A 16 25.54 8.39 -4.13
CA ILE A 16 25.62 9.83 -4.02
C ILE A 16 24.66 10.37 -5.08
N SER A 17 23.59 9.61 -5.28
CA SER A 17 22.49 10.01 -6.16
C SER A 17 21.64 11.07 -5.49
N SER A 18 21.25 12.08 -6.26
CA SER A 18 20.61 13.28 -5.73
C SER A 18 19.16 13.06 -5.35
N ASP A 19 18.44 14.18 -5.27
CA ASP A 19 16.98 14.16 -5.28
C ASP A 19 16.48 14.36 -6.69
N THR A 20 17.10 13.61 -7.60
CA THR A 20 16.52 13.29 -8.88
C THR A 20 15.55 12.15 -8.57
N LEU A 21 15.63 11.65 -7.34
CA LEU A 21 14.69 10.67 -6.80
C LEU A 21 13.27 11.20 -6.83
N GLU A 22 13.10 12.50 -6.58
CA GLU A 22 11.79 13.13 -6.68
C GLU A 22 11.30 13.20 -8.12
N GLN A 23 12.22 13.36 -9.08
CA GLN A 23 11.85 13.38 -10.49
C GLN A 23 11.37 12.00 -10.92
N LEU A 24 12.02 10.97 -10.41
CA LEU A 24 11.67 9.59 -10.71
C LEU A 24 10.33 9.21 -10.08
N TYR A 25 10.10 9.67 -8.85
CA TYR A 25 8.85 9.38 -8.17
C TYR A 25 7.67 9.99 -8.91
N SER A 26 7.83 11.25 -9.30
CA SER A 26 6.80 11.97 -10.05
C SER A 26 6.46 11.26 -11.35
N LEU A 27 7.49 10.78 -12.04
CA LEU A 27 7.24 10.07 -13.29
C LEU A 27 6.47 8.79 -13.04
N ALA A 28 6.92 8.00 -12.05
CA ALA A 28 6.25 6.74 -11.72
C ALA A 28 4.83 6.99 -11.26
N PHE A 29 4.66 8.01 -10.43
CA PHE A 29 3.34 8.43 -9.96
C PHE A 29 2.43 8.75 -11.17
N ASN A 30 2.94 9.52 -12.13
CA ASN A 30 2.15 9.87 -13.31
C ASN A 30 1.81 8.68 -14.19
N GLN A 31 2.76 7.75 -14.35
CA GLN A 31 2.46 6.55 -15.11
C GLN A 31 1.33 5.74 -14.45
N TYR A 32 1.36 5.66 -13.12
CA TYR A 32 0.33 4.94 -12.37
C TYR A 32 -1.05 5.57 -12.58
N GLN A 33 -1.13 6.90 -12.59
CA GLN A 33 -2.43 7.56 -12.79
C GLN A 33 -2.97 7.36 -14.20
N SER A 34 -2.08 7.15 -15.15
CA SER A 34 -2.48 6.83 -16.54
C SER A 34 -2.79 5.34 -16.73
N GLY A 35 -2.73 4.57 -15.65
CA GLY A 35 -3.01 3.14 -15.71
C GLY A 35 -1.88 2.34 -16.32
N LYS A 36 -0.71 2.95 -16.46
CA LYS A 36 0.48 2.26 -16.99
C LYS A 36 1.20 1.50 -15.87
N TYR A 37 0.53 0.51 -15.30
CA TYR A 37 1.03 -0.14 -14.09
C TYR A 37 2.35 -0.90 -14.31
N GLU A 38 2.47 -1.58 -15.45
CA GLU A 38 3.69 -2.30 -15.79
C GLU A 38 4.91 -1.39 -15.84
N ASP A 39 4.77 -0.23 -16.47
CA ASP A 39 5.88 0.71 -16.55
C ASP A 39 6.18 1.34 -15.20
N ALA A 40 5.13 1.68 -14.46
CA ALA A 40 5.27 2.33 -13.17
C ALA A 40 6.00 1.41 -12.21
N HIS A 41 5.68 0.13 -12.28
CA HIS A 41 6.24 -0.86 -11.37
C HIS A 41 7.75 -1.01 -11.56
N LYS A 42 8.19 -0.92 -12.81
CA LYS A 42 9.61 -0.90 -13.13
C LYS A 42 10.35 0.29 -12.52
N VAL A 43 9.71 1.46 -12.49
CA VAL A 43 10.37 2.62 -11.92
C VAL A 43 10.41 2.56 -10.41
N PHE A 44 9.29 2.16 -9.84
CA PHE A 44 9.15 2.00 -8.40
C PHE A 44 10.13 0.96 -7.85
N GLN A 45 10.30 -0.14 -8.59
CA GLN A 45 11.25 -1.18 -8.24
C GLN A 45 12.66 -0.62 -8.13
N ALA A 46 13.08 0.16 -9.12
CA ALA A 46 14.41 0.76 -9.09
C ALA A 46 14.54 1.79 -7.98
N LEU A 47 13.46 2.50 -7.69
CA LEU A 47 13.46 3.46 -6.59
C LEU A 47 13.67 2.74 -5.25
N CYS A 48 13.05 1.57 -5.11
CA CYS A 48 13.22 0.77 -3.90
C CYS A 48 14.67 0.33 -3.75
N VAL A 49 15.38 0.22 -4.86
CA VAL A 49 16.79 -0.11 -4.85
C VAL A 49 17.63 1.11 -4.45
N LEU A 50 17.23 2.29 -4.93
CA LEU A 50 17.99 3.51 -4.66
C LEU A 50 17.85 3.97 -3.21
N ASP A 51 16.64 3.90 -2.69
CA ASP A 51 16.39 4.28 -1.30
C ASP A 51 15.41 3.33 -0.64
N HIS A 52 15.93 2.29 0.00
CA HIS A 52 15.08 1.24 0.60
C HIS A 52 14.45 1.64 1.93
N TYR A 53 14.56 2.91 2.30
CA TYR A 53 13.98 3.42 3.55
C TYR A 53 12.77 4.31 3.34
N ASP A 54 12.57 4.75 2.09
CA ASP A 54 11.45 5.61 1.74
C ASP A 54 10.20 4.75 1.52
N SER A 55 9.15 4.99 2.31
CA SER A 55 7.98 4.13 2.27
C SER A 55 7.02 4.39 1.08
N ARG A 56 7.11 5.57 0.46
CA ARG A 56 6.28 5.87 -0.71
C ARG A 56 6.57 4.91 -1.87
N PHE A 57 7.82 4.46 -1.93
CA PHE A 57 8.28 3.64 -3.04
C PHE A 57 7.70 2.25 -2.93
N PHE A 58 7.57 1.77 -1.70
CA PHE A 58 6.97 0.47 -1.45
C PHE A 58 5.44 0.48 -1.57
N LEU A 59 4.81 1.57 -1.15
CA LEU A 59 3.39 1.77 -1.38
C LEU A 59 3.12 1.74 -2.89
N GLY A 60 3.96 2.45 -3.63
CA GLY A 60 3.84 2.50 -5.07
C GLY A 60 4.01 1.14 -5.70
N LEU A 61 5.11 0.47 -5.34
CA LEU A 61 5.39 -0.84 -5.92
C LEU A 61 4.27 -1.84 -5.61
N GLY A 62 3.84 -1.86 -4.35
CA GLY A 62 2.77 -2.75 -3.97
C GLY A 62 1.47 -2.42 -4.68
N ALA A 63 1.21 -1.13 -4.87
CA ALA A 63 -0.04 -0.68 -5.51
C ALA A 63 -0.13 -1.18 -6.97
N CYS A 64 1.00 -1.09 -7.68
CA CYS A 64 1.07 -1.60 -9.06
C CYS A 64 0.77 -3.10 -9.11
N ARG A 65 1.35 -3.85 -8.18
CA ARG A 65 1.11 -5.29 -8.12
C ARG A 65 -0.35 -5.60 -7.77
N GLN A 66 -0.90 -4.80 -6.87
CA GLN A 66 -2.32 -4.96 -6.55
C GLN A 66 -3.17 -4.70 -7.82
N ALA A 67 -2.89 -3.58 -8.48
CA ALA A 67 -3.61 -3.16 -9.69
C ALA A 67 -3.58 -4.24 -10.77
N MET A 68 -2.46 -4.95 -10.85
CA MET A 68 -2.32 -6.03 -11.83
C MET A 68 -2.73 -7.41 -11.30
N GLY A 69 -3.34 -7.46 -10.13
CA GLY A 69 -3.81 -8.75 -9.60
C GLY A 69 -2.76 -9.64 -8.95
N GLN A 70 -1.55 -9.12 -8.79
CA GLN A 70 -0.45 -9.88 -8.20
C GLN A 70 -0.43 -9.76 -6.67
N TYR A 71 -1.33 -10.49 -6.03
CA TYR A 71 -1.62 -10.30 -4.62
C TYR A 71 -0.48 -10.65 -3.66
N ASP A 72 0.14 -11.81 -3.86
CA ASP A 72 1.28 -12.17 -3.01
C ASP A 72 2.46 -11.20 -3.13
N LEU A 73 2.77 -10.76 -4.36
CA LEU A 73 3.83 -9.80 -4.53
C LEU A 73 3.49 -8.47 -3.85
N ALA A 74 2.23 -8.05 -3.97
CA ALA A 74 1.75 -6.81 -3.36
C ALA A 74 1.90 -6.84 -1.85
N ILE A 75 1.43 -7.92 -1.23
CA ILE A 75 1.55 -8.12 0.21
C ILE A 75 3.01 -8.04 0.65
N HIS A 76 3.90 -8.60 -0.15
CA HIS A 76 5.32 -8.55 0.15
C HIS A 76 5.85 -7.12 0.22
N SER A 77 5.53 -6.28 -0.78
CA SER A 77 5.96 -4.88 -0.74
C SER A 77 5.33 -4.11 0.41
N TYR A 78 4.05 -4.35 0.67
CA TYR A 78 3.37 -3.67 1.75
C TYR A 78 4.02 -4.04 3.10
N SER A 79 4.39 -5.32 3.25
CA SER A 79 5.07 -5.78 4.46
C SER A 79 6.33 -5.00 4.71
N TYR A 80 7.13 -4.82 3.66
CA TYR A 80 8.36 -4.02 3.80
C TYR A 80 8.07 -2.60 4.24
N GLY A 81 7.17 -1.92 3.51
CA GLY A 81 6.70 -0.59 3.89
C GLY A 81 6.27 -0.50 5.34
N ALA A 82 5.53 -1.49 5.79
CA ALA A 82 5.08 -1.55 7.19
C ALA A 82 6.23 -1.54 8.20
N VAL A 83 7.33 -2.22 7.86
CA VAL A 83 8.52 -2.29 8.71
C VAL A 83 9.24 -0.94 8.87
N MET A 84 9.28 -0.16 7.79
CA MET A 84 9.97 1.12 7.84
CA MET A 84 9.95 1.13 7.77
C MET A 84 9.04 2.24 8.28
N ASP A 85 7.73 2.02 8.16
CA ASP A 85 6.75 3.00 8.61
C ASP A 85 5.61 2.35 9.40
N ILE A 86 5.93 1.92 10.62
CA ILE A 86 5.02 1.21 11.52
C ILE A 86 3.74 1.99 11.88
N LYS A 87 3.73 3.30 11.68
CA LYS A 87 2.54 4.12 11.98
C LYS A 87 1.58 4.34 10.79
N GLU A 88 1.99 3.93 9.59
CA GLU A 88 1.25 4.19 8.36
C GLU A 88 0.13 3.17 8.10
N PRO A 89 -1.14 3.59 8.25
CA PRO A 89 -2.24 2.62 8.13
C PRO A 89 -2.51 2.10 6.70
N ARG A 90 -1.99 2.80 5.71
CA ARG A 90 -2.25 2.39 4.34
C ARG A 90 -1.62 1.03 4.02
N PHE A 91 -0.55 0.66 4.72
CA PHE A 91 0.06 -0.64 4.48
C PHE A 91 -0.79 -1.85 4.95
N PRO A 92 -1.21 -1.88 6.23
CA PRO A 92 -2.04 -3.03 6.57
C PRO A 92 -3.41 -2.99 5.90
N PHE A 93 -3.88 -1.81 5.55
CA PHE A 93 -5.17 -1.73 4.89
C PHE A 93 -5.12 -2.30 3.46
N HIS A 94 -4.14 -1.87 2.67
CA HIS A 94 -4.02 -2.44 1.33
C HIS A 94 -3.61 -3.91 1.33
N ALA A 95 -2.83 -4.35 2.34
CA ALA A 95 -2.53 -5.78 2.47
C ALA A 95 -3.78 -6.59 2.79
N ALA A 96 -4.62 -6.04 3.66
CA ALA A 96 -5.89 -6.67 4.00
C ALA A 96 -6.80 -6.86 2.77
N GLU A 97 -6.82 -5.88 1.87
CA GLU A 97 -7.52 -6.00 0.57
C GLU A 97 -7.01 -7.21 -0.20
N CYS A 98 -5.69 -7.30 -0.34
CA CYS A 98 -5.05 -8.40 -1.04
C CYS A 98 -5.33 -9.75 -0.38
N LEU A 99 -5.22 -9.80 0.95
CA LEU A 99 -5.51 -11.04 1.70
C LEU A 99 -6.97 -11.43 1.57
N LEU A 100 -7.85 -10.44 1.44
CA LEU A 100 -9.24 -10.73 1.19
C LEU A 100 -9.42 -11.38 -0.19
N GLN A 101 -8.80 -10.82 -1.22
CA GLN A 101 -8.84 -11.41 -2.57
C GLN A 101 -8.31 -12.85 -2.64
N LYS A 102 -7.44 -13.23 -1.69
CA LYS A 102 -6.92 -14.59 -1.67
C LYS A 102 -7.80 -15.50 -0.81
N GLY A 103 -8.84 -14.94 -0.22
CA GLY A 103 -9.71 -15.70 0.67
C GLY A 103 -9.04 -16.06 1.98
N GLU A 104 -8.22 -15.15 2.51
CA GLU A 104 -7.58 -15.34 3.81
C GLU A 104 -8.13 -14.35 4.84
N LEU A 105 -9.32 -14.67 5.36
CA LEU A 105 -10.14 -13.74 6.13
C LEU A 105 -9.62 -13.38 7.53
N ALA A 106 -9.05 -14.34 8.23
CA ALA A 106 -8.53 -14.10 9.57
C ALA A 106 -7.34 -13.14 9.50
N GLU A 107 -6.47 -13.38 8.51
CA GLU A 107 -5.32 -12.53 8.29
CA GLU A 107 -5.32 -12.53 8.26
C GLU A 107 -5.74 -11.13 7.81
N ALA A 108 -6.79 -11.09 7.01
CA ALA A 108 -7.32 -9.81 6.54
C ALA A 108 -7.90 -9.04 7.70
N GLU A 109 -8.56 -9.75 8.62
CA GLU A 109 -9.16 -9.13 9.79
C GLU A 109 -8.13 -8.40 10.68
N SER A 110 -7.03 -9.09 10.97
CA SER A 110 -5.92 -8.51 11.73
C SER A 110 -5.41 -7.27 11.02
N GLY A 111 -5.22 -7.39 9.72
CA GLY A 111 -4.84 -6.25 8.91
C GLY A 111 -5.74 -5.07 9.14
N LEU A 112 -7.04 -5.29 9.06
CA LEU A 112 -8.00 -4.20 9.22
C LEU A 112 -7.99 -3.62 10.65
N PHE A 113 -8.01 -4.49 11.65
CA PHE A 113 -7.88 -4.06 13.05
C PHE A 113 -6.62 -3.22 13.31
N LEU A 114 -5.49 -3.63 12.75
CA LEU A 114 -4.26 -2.86 12.85
C LEU A 114 -4.40 -1.47 12.22
N ALA A 115 -4.87 -1.42 10.97
CA ALA A 115 -5.15 -0.17 10.27
C ALA A 115 -6.00 0.74 11.13
N GLN A 116 -7.03 0.17 11.75
CA GLN A 116 -7.97 0.89 12.59
C GLN A 116 -7.26 1.51 13.82
N GLU A 117 -6.32 0.77 14.39
CA GLU A 117 -5.50 1.29 15.49
C GLU A 117 -4.64 2.45 15.01
N LEU A 118 -4.06 2.32 13.83
CA LEU A 118 -3.13 3.33 13.36
C LEU A 118 -3.84 4.61 12.92
N ILE A 119 -5.04 4.45 12.41
CA ILE A 119 -5.87 5.58 12.01
C ILE A 119 -6.43 6.31 13.24
N ALA A 120 -6.80 5.56 14.28
CA ALA A 120 -7.38 6.12 15.50
C ALA A 120 -8.55 7.04 15.15
N ASN A 121 -8.52 8.29 15.64
CA ASN A 121 -9.50 9.28 15.16
C ASN A 121 -8.87 10.41 14.33
N LYS A 122 -7.83 10.10 13.57
CA LYS A 122 -7.17 11.10 12.74
C LYS A 122 -8.11 11.55 11.61
N PRO A 123 -8.28 12.87 11.45
CA PRO A 123 -9.29 13.37 10.52
C PRO A 123 -9.01 13.03 9.06
N GLU A 124 -7.74 12.97 8.69
CA GLU A 124 -7.37 12.76 7.28
C GLU A 124 -7.72 11.37 6.74
N PHE A 125 -7.97 10.41 7.63
CA PHE A 125 -8.32 9.06 7.20
C PHE A 125 -9.81 8.73 7.36
N LYS A 126 -10.66 9.76 7.28
CA LYS A 126 -12.10 9.60 7.48
C LYS A 126 -12.77 8.54 6.60
N GLU A 127 -12.59 8.64 5.28
CA GLU A 127 -13.25 7.72 4.37
C GLU A 127 -12.60 6.35 4.50
N LEU A 128 -11.30 6.35 4.70
CA LEU A 128 -10.58 5.11 4.92
C LEU A 128 -11.09 4.36 6.17
N SER A 129 -11.56 5.07 7.18
CA SER A 129 -12.15 4.42 8.35
C SER A 129 -13.42 3.67 8.00
N THR A 130 -14.25 4.28 7.16
CA THR A 130 -15.52 3.68 6.80
C THR A 130 -15.34 2.38 6.00
N ARG A 131 -14.38 2.38 5.08
CA ARG A 131 -14.04 1.15 4.35
C ARG A 131 -13.53 0.04 5.27
N VAL A 132 -12.69 0.42 6.24
CA VAL A 132 -12.21 -0.51 7.24
C VAL A 132 -13.38 -1.12 8.00
N SER A 133 -14.29 -0.30 8.52
CA SER A 133 -15.42 -0.84 9.28
C SER A 133 -16.31 -1.75 8.42
N SER A 134 -16.61 -1.33 7.20
CA SER A 134 -17.39 -2.12 6.28
C SER A 134 -16.82 -3.52 6.11
N MET A 135 -15.52 -3.60 5.84
CA MET A 135 -14.85 -4.90 5.71
C MET A 135 -14.87 -5.76 6.99
N LEU A 136 -14.58 -5.15 8.15
CA LEU A 136 -14.63 -5.88 9.41
C LEU A 136 -16.03 -6.46 9.68
N GLU A 137 -17.06 -5.73 9.28
CA GLU A 137 -18.43 -6.19 9.46
C GLU A 137 -18.77 -7.39 8.58
N ALA A 138 -18.19 -7.45 7.39
CA ALA A 138 -18.44 -8.57 6.49
C ALA A 138 -17.78 -9.87 6.95
N ILE A 139 -16.60 -9.75 7.55
CA ILE A 139 -15.86 -10.90 8.04
C ILE A 139 -16.48 -11.41 9.33
N LYS A 140 -16.95 -10.48 10.16
CA LYS A 140 -17.57 -10.80 11.44
C LYS A 140 -18.79 -11.69 11.27
N LEU A 141 -19.63 -11.36 10.30
CA LEU A 141 -20.88 -12.08 10.07
C LEU A 141 -20.67 -13.48 9.53
N LYS A 142 -19.62 -13.64 8.72
CA LYS A 142 -19.22 -14.96 8.22
C LYS A 142 -19.04 -15.97 9.37
N LYS A 143 -18.39 -15.54 10.46
CA LYS A 143 -18.26 -16.40 11.64
C LYS A 143 -19.54 -16.39 12.48
N GLU A 144 -20.56 -17.10 11.99
CA GLU A 144 -21.83 -17.21 12.69
C GLU A 144 -22.42 -18.61 12.48
C ACE B 1 -12.18 1.79 -9.78
O ACE B 1 -13.04 1.06 -10.23
CH3 ACE B 1 -12.32 3.29 -9.85
N GLN B 2 -11.06 1.30 -9.23
CA GLN B 2 -10.55 1.73 -7.94
C GLN B 2 -9.28 0.99 -7.61
N VAL B 3 -8.15 1.65 -7.83
CA VAL B 3 -6.85 1.11 -7.46
C VAL B 3 -6.34 1.90 -6.24
N PRO B 4 -5.34 1.37 -5.53
CA PRO B 4 -4.92 2.11 -4.33
C PRO B 4 -4.44 3.51 -4.63
N GLU B 5 -4.61 4.40 -3.67
CA GLU B 5 -4.26 5.79 -3.82
C GLU B 5 -2.84 6.04 -3.31
N LEU B 6 -2.01 6.65 -4.16
CA LEU B 6 -0.61 6.89 -3.83
C LEU B 6 -0.42 8.20 -3.12
N ILE B 7 0.75 8.34 -2.52
CA ILE B 7 1.14 9.59 -1.90
C ILE B 7 1.56 10.59 -2.97
N LYS B 8 1.08 11.82 -2.84
CA LYS B 8 1.32 12.85 -3.85
C LYS B 8 2.79 13.27 -3.84
N PRO B 9 3.34 13.56 -5.04
CA PRO B 9 4.72 14.05 -5.14
C PRO B 9 4.95 15.52 -4.78
N SER B 10 5.99 15.77 -3.98
CA SER B 10 6.59 17.11 -3.83
C SER B 10 5.63 18.27 -3.60
S SO4 C . 10.23 -8.78 -4.10
O1 SO4 C . 8.88 -8.74 -3.56
O2 SO4 C . 10.86 -7.47 -3.96
O3 SO4 C . 11.00 -9.79 -3.38
O4 SO4 C . 10.17 -9.14 -5.53
O6 BU3 D . 0.52 -1.76 -17.51
C3 BU3 D . 0.50 -1.02 -18.75
C4 BU3 D . -0.14 -1.88 -19.83
C2 BU3 D . 1.91 -0.66 -19.22
O5 BU3 D . 2.52 0.20 -18.28
C1 BU3 D . 1.87 0.07 -20.54
O6 BU3 E . 1.25 -12.69 -6.46
C3 BU3 E . 0.61 -13.64 -7.33
C4 BU3 E . 0.83 -13.18 -8.77
C2 BU3 E . -0.90 -13.76 -7.06
O5 BU3 E . -1.15 -14.21 -5.74
C1 BU3 E . -1.53 -14.77 -8.02
O6 BU3 F . -8.03 -16.80 7.23
C3 BU3 F . -8.38 -18.18 7.15
C4 BU3 F . -7.37 -18.91 6.26
C2 BU3 F . -9.79 -18.31 6.53
O5 BU3 F . -10.72 -17.61 7.34
C1 BU3 F . -10.17 -19.79 6.46
O6 BU3 G . 1.53 -5.21 5.89
C3 BU3 G . 0.62 -5.60 6.93
C4 BU3 G . 0.85 -4.71 8.14
C2 BU3 G . 0.81 -7.06 7.35
O5 BU3 G . 0.62 -7.97 6.25
C1 BU3 G . -0.18 -7.36 8.47
O6 BU3 H . 0.25 12.15 2.92
C3 BU3 H . 0.33 12.32 1.50
C4 BU3 H . 0.75 13.74 1.17
C2 BU3 H . -1.05 12.02 0.87
O5 BU3 H . -0.97 12.15 -0.57
C1 BU3 H . -2.10 12.99 1.42
#